data_3QYY
#
_entry.id   3QYY
#
_cell.length_a   87.281
_cell.length_b   87.281
_cell.length_c   87.860
_cell.angle_alpha   90.00
_cell.angle_beta   90.00
_cell.angle_gamma   90.00
#
_symmetry.space_group_name_H-M   'P 43 21 2'
#
loop_
_entity.id
_entity.type
_entity.pdbx_description
1 polymer 'Response regulator'
2 non-polymer "9,9'-[(2R,3R,3aS,5S,7aR,9R,10R,10aS,12S,14aR)-3,5,10,12-tetrahydroxy-5,12-dioxidooctahydro-2H,7H-difuro[3,2-d:3',2'-j][1,3,7,9,2,8]tetraoxadiphosphacyclododecine-2,9-diyl]bis(2-amino-1,9-dihydro-6H-purin-6-one)"
3 non-polymer DI(HYDROXYETHYL)ETHER
4 non-polymer 'MAGNESIUM ION'
5 water water
#
_entity_poly.entity_id   1
_entity_poly.type   'polypeptide(L)'
_entity_poly.pdbx_seq_one_letter_code
;SNAMRDLKRHALFDPLTEALNRRGCEQAMRDSVTAAQREGWPFVLFVLDMDNLKPINDRFGHLAGDRVLVRLVESAYGWL
GAQDWIGRWGGDEFLIGVHASEDEATLKLNQWLSMLEREDAEEAPLHVSAGSAVCEVGIDATELYRRADAAMYRAKFSGG
RRLVRDG
;
_entity_poly.pdbx_strand_id   A,B
#
# COMPACT_ATOMS: atom_id res chain seq x y z
N HIS A 10 -20.82 6.39 9.43
CA HIS A 10 -21.53 7.28 8.48
C HIS A 10 -20.97 7.07 7.07
N ALA A 11 -21.87 7.02 6.08
CA ALA A 11 -21.45 6.84 4.70
C ALA A 11 -20.54 8.03 4.34
N LEU A 12 -19.50 7.76 3.56
CA LEU A 12 -18.57 8.81 3.15
C LEU A 12 -17.56 9.25 4.21
N PHE A 13 -17.60 8.64 5.40
CA PHE A 13 -16.67 8.98 6.47
C PHE A 13 -15.94 7.77 7.07
N ASP A 14 -14.66 7.95 7.35
CA ASP A 14 -13.82 6.90 7.94
C ASP A 14 -14.12 6.83 9.43
N PRO A 15 -14.54 5.66 9.92
CA PRO A 15 -14.86 5.53 11.35
C PRO A 15 -13.71 5.84 12.32
N LEU A 16 -12.49 5.41 11.99
CA LEU A 16 -11.36 5.65 12.87
C LEU A 16 -10.96 7.12 13.02
N THR A 17 -10.73 7.79 11.90
CA THR A 17 -10.27 9.19 11.92
C THR A 17 -11.31 10.28 11.72
N GLU A 18 -12.48 9.92 11.20
CA GLU A 18 -13.52 10.89 10.93
C GLU A 18 -13.18 11.76 9.72
N ALA A 19 -12.19 11.30 8.94
CA ALA A 19 -11.86 12.00 7.71
C ALA A 19 -12.86 11.32 6.78
N LEU A 20 -12.98 11.81 5.54
CA LEU A 20 -13.89 11.18 4.59
C LEU A 20 -13.32 9.80 4.29
N ASN A 21 -14.15 8.88 3.80
CA ASN A 21 -13.65 7.56 3.44
C ASN A 21 -13.36 7.58 1.94
N ARG A 22 -13.00 6.42 1.38
CA ARG A 22 -12.67 6.32 -0.04
C ARG A 22 -13.76 6.91 -0.96
N ARG A 23 -15.01 6.50 -0.76
CA ARG A 23 -16.09 7.03 -1.59
C ARG A 23 -16.30 8.52 -1.29
N GLY A 24 -15.98 8.92 -0.07
CA GLY A 24 -16.11 10.33 0.30
C GLY A 24 -15.09 11.14 -0.48
N CYS A 25 -13.88 10.60 -0.61
CA CYS A 25 -12.80 11.26 -1.34
C CYS A 25 -13.21 11.46 -2.79
N GLU A 26 -13.69 10.39 -3.41
CA GLU A 26 -14.10 10.43 -4.81
C GLU A 26 -15.18 11.48 -5.07
N GLN A 27 -16.17 11.56 -4.19
CA GLN A 27 -17.23 12.54 -4.34
C GLN A 27 -16.69 13.96 -4.10
N ALA A 28 -15.85 14.11 -3.08
CA ALA A 28 -15.29 15.42 -2.76
C ALA A 28 -14.45 15.94 -3.93
N MET A 29 -13.70 15.06 -4.58
CA MET A 29 -12.89 15.48 -5.72
C MET A 29 -13.80 15.97 -6.84
N ARG A 30 -14.86 15.21 -7.11
CA ARG A 30 -15.80 15.59 -8.15
C ARG A 30 -16.46 16.93 -7.82
N ASP A 31 -16.93 17.09 -6.59
CA ASP A 31 -17.59 18.33 -6.18
C ASP A 31 -16.63 19.52 -6.17
N SER A 32 -15.39 19.30 -5.73
CA SER A 32 -14.40 20.37 -5.68
C SER A 32 -14.01 20.84 -7.08
N VAL A 33 -13.88 19.91 -8.02
CA VAL A 33 -13.54 20.28 -9.38
C VAL A 33 -14.72 21.00 -10.01
N THR A 34 -15.93 20.53 -9.76
CA THR A 34 -17.12 21.16 -10.30
C THR A 34 -17.24 22.58 -9.77
N ALA A 35 -16.97 22.74 -8.47
CA ALA A 35 -17.03 24.05 -7.82
C ALA A 35 -16.01 25.02 -8.41
N ALA A 36 -14.80 24.52 -8.65
CA ALA A 36 -13.74 25.35 -9.21
C ALA A 36 -14.17 25.84 -10.60
N GLN A 37 -14.74 24.94 -11.39
CA GLN A 37 -15.18 25.24 -12.74
C GLN A 37 -16.49 26.02 -12.85
N ARG A 38 -17.29 26.00 -11.79
CA ARG A 38 -18.57 26.69 -11.79
C ARG A 38 -18.49 28.01 -11.02
N GLU A 39 -17.75 27.99 -9.91
CA GLU A 39 -17.61 29.17 -9.05
C GLU A 39 -16.33 29.95 -9.31
N GLY A 40 -15.40 29.34 -10.03
CA GLY A 40 -14.14 30.02 -10.31
C GLY A 40 -13.17 29.95 -9.14
N TRP A 41 -13.44 29.06 -8.19
CA TRP A 41 -12.54 28.93 -7.04
C TRP A 41 -11.29 28.15 -7.41
N PRO A 42 -10.15 28.51 -6.80
CA PRO A 42 -8.91 27.79 -7.09
C PRO A 42 -9.00 26.47 -6.32
N PHE A 43 -8.28 25.45 -6.75
CA PHE A 43 -8.30 24.19 -6.04
C PHE A 43 -7.01 23.42 -6.21
N VAL A 44 -6.46 22.98 -5.08
CA VAL A 44 -5.23 22.21 -5.10
C VAL A 44 -5.52 20.87 -4.44
N LEU A 45 -5.12 19.78 -5.10
CA LEU A 45 -5.34 18.45 -4.58
C LEU A 45 -4.01 17.85 -4.14
N PHE A 46 -4.01 17.23 -2.95
CA PHE A 46 -2.81 16.61 -2.39
C PHE A 46 -3.07 15.13 -2.16
N VAL A 47 -2.06 14.31 -2.45
CA VAL A 47 -2.13 12.86 -2.22
C VAL A 47 -0.99 12.59 -1.24
N LEU A 48 -1.32 12.02 -0.09
CA LEU A 48 -0.31 11.75 0.93
C LEU A 48 -0.22 10.27 1.31
N ASP A 49 0.99 9.78 1.51
CA ASP A 49 1.21 8.40 1.90
C ASP A 49 2.25 8.40 3.04
N MET A 50 1.91 7.78 4.17
CA MET A 50 2.84 7.74 5.28
C MET A 50 4.05 6.89 4.95
N ASP A 51 5.20 7.26 5.52
CA ASP A 51 6.45 6.54 5.27
C ASP A 51 6.85 5.61 6.42
N ASN A 52 6.52 6.00 7.65
CA ASN A 52 6.93 5.21 8.81
C ASN A 52 5.86 4.70 9.78
N LEU A 53 4.65 4.46 9.30
CA LEU A 53 3.61 3.98 10.21
C LEU A 53 3.83 2.53 10.64
N LYS A 54 4.37 1.71 9.74
CA LYS A 54 4.61 0.31 10.10
C LYS A 54 5.64 0.23 11.23
N PRO A 55 6.76 0.97 11.13
CA PRO A 55 7.72 0.89 12.23
C PRO A 55 7.16 1.45 13.54
N ILE A 56 6.26 2.42 13.44
CA ILE A 56 5.62 2.99 14.63
C ILE A 56 4.78 1.89 15.27
N ASN A 57 4.06 1.14 14.44
CA ASN A 57 3.22 0.05 14.92
C ASN A 57 4.05 -1.05 15.57
N ASP A 58 5.18 -1.39 14.96
CA ASP A 58 6.05 -2.42 15.49
C ASP A 58 6.70 -2.01 16.81
N ARG A 59 7.09 -0.74 16.90
CA ARG A 59 7.75 -0.22 18.09
C ARG A 59 6.82 0.09 19.27
N PHE A 60 5.66 0.68 18.98
CA PHE A 60 4.74 1.04 20.05
C PHE A 60 3.38 0.35 20.07
N GLY A 61 3.09 -0.45 19.05
CA GLY A 61 1.80 -1.13 18.99
C GLY A 61 0.87 -0.43 18.02
N HIS A 62 -0.08 -1.16 17.46
CA HIS A 62 -1.02 -0.59 16.50
C HIS A 62 -1.97 0.46 17.06
N LEU A 63 -2.20 0.43 18.37
CA LEU A 63 -3.09 1.42 18.97
C LEU A 63 -2.39 2.77 18.89
N ALA A 64 -1.07 2.75 19.06
CA ALA A 64 -0.29 3.97 18.99
C ALA A 64 -0.37 4.47 17.54
N GLY A 65 -0.32 3.53 16.60
CA GLY A 65 -0.43 3.86 15.19
C GLY A 65 -1.77 4.45 14.86
N ASP A 66 -2.83 3.93 15.49
CA ASP A 66 -4.18 4.44 15.25
C ASP A 66 -4.24 5.89 15.71
N ARG A 67 -3.63 6.15 16.86
CA ARG A 67 -3.59 7.50 17.45
C ARG A 67 -2.92 8.46 16.48
N VAL A 68 -1.84 8.01 15.87
CA VAL A 68 -1.09 8.81 14.93
C VAL A 68 -1.97 9.25 13.76
N LEU A 69 -2.75 8.31 13.23
CA LEU A 69 -3.65 8.62 12.12
C LEU A 69 -4.73 9.59 12.56
N VAL A 70 -5.25 9.39 13.77
CA VAL A 70 -6.29 10.27 14.29
C VAL A 70 -5.72 11.69 14.43
N ARG A 71 -4.51 11.78 14.96
CA ARG A 71 -3.83 13.07 15.15
C ARG A 71 -3.64 13.76 13.80
N LEU A 72 -3.24 13.00 12.80
CA LEU A 72 -3.03 13.52 11.45
C LEU A 72 -4.28 14.25 10.96
N VAL A 73 -5.42 13.55 11.04
CA VAL A 73 -6.68 14.11 10.58
C VAL A 73 -7.20 15.25 11.45
N GLU A 74 -7.13 15.09 12.77
CA GLU A 74 -7.60 16.13 13.68
C GLU A 74 -6.84 17.43 13.47
N SER A 75 -5.52 17.33 13.36
CA SER A 75 -4.69 18.50 13.15
C SER A 75 -4.98 19.14 11.80
N ALA A 76 -5.27 18.32 10.79
CA ALA A 76 -5.59 18.84 9.48
C ALA A 76 -6.86 19.67 9.58
N TYR A 77 -7.88 19.13 10.25
CA TYR A 77 -9.14 19.85 10.42
C TYR A 77 -8.86 21.15 11.17
N GLY A 78 -7.66 21.24 11.74
CA GLY A 78 -7.27 22.43 12.47
C GLY A 78 -6.99 23.64 11.59
N TRP A 79 -6.60 23.40 10.33
CA TRP A 79 -6.32 24.52 9.42
C TRP A 79 -7.14 24.52 8.14
N LEU A 80 -7.80 23.40 7.84
CA LEU A 80 -8.63 23.31 6.64
C LEU A 80 -9.86 24.23 6.74
N GLY A 81 -10.19 24.88 5.63
CA GLY A 81 -11.33 25.79 5.60
C GLY A 81 -12.67 25.11 5.42
N ALA A 82 -13.73 25.91 5.39
CA ALA A 82 -15.10 25.43 5.25
C ALA A 82 -15.35 24.54 4.05
N GLN A 83 -14.77 24.89 2.90
CA GLN A 83 -14.96 24.12 1.68
C GLN A 83 -13.83 23.11 1.46
N ASP A 84 -12.82 23.15 2.32
CA ASP A 84 -11.69 22.23 2.20
C ASP A 84 -12.05 20.87 2.79
N TRP A 85 -11.19 19.87 2.57
CA TRP A 85 -11.48 18.55 3.08
C TRP A 85 -10.27 17.62 3.15
N ILE A 86 -10.44 16.55 3.93
CA ILE A 86 -9.41 15.54 4.06
C ILE A 86 -10.13 14.20 4.07
N GLY A 87 -9.62 13.27 3.29
CA GLY A 87 -10.23 11.96 3.21
C GLY A 87 -9.17 10.87 3.28
N ARG A 88 -9.59 9.70 3.73
CA ARG A 88 -8.68 8.56 3.83
C ARG A 88 -8.94 7.68 2.62
N TRP A 89 -7.97 7.61 1.72
CA TRP A 89 -8.09 6.81 0.52
C TRP A 89 -8.18 5.34 0.94
N GLY A 90 -7.43 5.00 1.97
CA GLY A 90 -7.41 3.65 2.50
C GLY A 90 -6.06 3.39 3.13
N GLY A 91 -6.00 2.51 4.12
CA GLY A 91 -4.73 2.23 4.76
C GLY A 91 -4.11 3.48 5.35
N ASP A 92 -2.86 3.78 5.00
CA ASP A 92 -2.20 4.98 5.52
C ASP A 92 -2.04 6.05 4.45
N GLU A 93 -2.96 6.05 3.49
CA GLU A 93 -2.94 6.99 2.37
C GLU A 93 -4.13 7.93 2.45
N PHE A 94 -3.85 9.23 2.37
CA PHE A 94 -4.89 10.27 2.47
C PHE A 94 -4.86 11.27 1.32
N LEU A 95 -5.99 11.93 1.11
CA LEU A 95 -6.13 12.97 0.10
C LEU A 95 -6.59 14.23 0.82
N ILE A 96 -6.10 15.39 0.36
CA ILE A 96 -6.50 16.65 0.95
C ILE A 96 -6.85 17.62 -0.17
N GLY A 97 -8.02 18.23 -0.05
CA GLY A 97 -8.45 19.20 -1.05
C GLY A 97 -8.47 20.57 -0.42
N VAL A 98 -7.79 21.52 -1.04
CA VAL A 98 -7.74 22.87 -0.51
C VAL A 98 -8.13 23.92 -1.55
N HIS A 99 -9.18 24.67 -1.27
CA HIS A 99 -9.64 25.71 -2.17
C HIS A 99 -8.93 27.02 -1.86
N ALA A 100 -7.71 27.14 -2.38
CA ALA A 100 -6.88 28.32 -2.19
C ALA A 100 -5.80 28.31 -3.25
N SER A 101 -5.02 29.38 -3.32
CA SER A 101 -3.94 29.45 -4.31
C SER A 101 -2.89 28.40 -3.97
N GLU A 102 -2.13 27.97 -4.96
CA GLU A 102 -1.09 26.98 -4.71
C GLU A 102 -0.12 27.51 -3.67
N ASP A 103 0.19 28.81 -3.72
CA ASP A 103 1.11 29.41 -2.74
C ASP A 103 0.62 29.19 -1.31
N GLU A 104 -0.62 29.56 -1.05
CA GLU A 104 -1.22 29.43 0.27
C GLU A 104 -1.40 27.99 0.71
N ALA A 105 -1.99 27.18 -0.16
CA ALA A 105 -2.24 25.77 0.13
C ALA A 105 -0.95 25.03 0.46
N THR A 106 0.06 25.20 -0.39
CA THR A 106 1.33 24.51 -0.19
C THR A 106 2.08 24.96 1.06
N LEU A 107 2.05 26.26 1.35
CA LEU A 107 2.75 26.76 2.53
C LEU A 107 2.13 26.18 3.80
N LYS A 108 0.80 26.18 3.88
CA LYS A 108 0.11 25.63 5.05
C LYS A 108 0.35 24.13 5.20
N LEU A 109 0.24 23.40 4.10
CA LEU A 109 0.44 21.95 4.12
C LEU A 109 1.85 21.61 4.58
N ASN A 110 2.85 22.31 4.05
CA ASN A 110 4.23 22.06 4.45
C ASN A 110 4.49 22.36 5.92
N GLN A 111 3.92 23.45 6.42
CA GLN A 111 4.11 23.80 7.83
C GLN A 111 3.44 22.74 8.69
N TRP A 112 2.29 22.25 8.25
CA TRP A 112 1.55 21.22 8.97
C TRP A 112 2.35 19.92 9.02
N LEU A 113 2.88 19.50 7.87
CA LEU A 113 3.67 18.28 7.81
C LEU A 113 4.94 18.43 8.65
N SER A 114 5.52 19.63 8.66
CA SER A 114 6.72 19.85 9.46
C SER A 114 6.39 19.67 10.93
N MET A 115 5.23 20.17 11.33
CA MET A 115 4.80 20.04 12.72
C MET A 115 4.61 18.59 13.11
N LEU A 116 4.13 17.78 12.18
CA LEU A 116 3.90 16.36 12.45
C LEU A 116 5.19 15.55 12.58
N GLU A 117 6.30 16.08 12.08
CA GLU A 117 7.58 15.38 12.18
C GLU A 117 8.14 15.52 13.60
N ARG A 118 7.36 16.09 14.49
CA ARG A 118 7.76 16.28 15.88
C ARG A 118 7.03 15.31 16.81
N GLU A 123 3.15 11.41 20.27
CA GLU A 123 4.43 12.15 20.13
C GLU A 123 5.30 11.52 19.04
N ALA A 124 4.94 10.31 18.63
CA ALA A 124 5.68 9.59 17.59
C ALA A 124 5.75 10.39 16.28
N PRO A 125 6.96 10.78 15.88
CA PRO A 125 7.16 11.56 14.64
C PRO A 125 6.58 10.85 13.42
N LEU A 126 5.86 11.61 12.61
CA LEU A 126 5.23 11.07 11.41
C LEU A 126 5.93 11.58 10.15
N HIS A 127 6.34 10.65 9.29
CA HIS A 127 7.02 10.97 8.03
C HIS A 127 6.03 10.75 6.88
N VAL A 128 5.92 11.74 6.00
CA VAL A 128 4.96 11.67 4.90
C VAL A 128 5.52 12.01 3.50
N SER A 129 5.10 11.24 2.50
CA SER A 129 5.49 11.49 1.11
C SER A 129 4.21 12.10 0.52
N ALA A 130 4.34 13.25 -0.14
CA ALA A 130 3.18 13.91 -0.70
C ALA A 130 3.38 14.48 -2.10
N GLY A 131 2.28 14.56 -2.84
CA GLY A 131 2.31 15.11 -4.18
C GLY A 131 1.13 16.06 -4.34
N SER A 132 1.27 17.09 -5.16
CA SER A 132 0.19 18.04 -5.36
C SER A 132 -0.06 18.32 -6.85
N ALA A 133 -1.28 18.76 -7.16
CA ALA A 133 -1.66 19.10 -8.52
C ALA A 133 -2.68 20.22 -8.42
N VAL A 134 -2.59 21.19 -9.34
CA VAL A 134 -3.49 22.34 -9.33
C VAL A 134 -4.63 22.19 -10.33
N CYS A 135 -5.85 22.45 -9.89
CA CYS A 135 -7.00 22.35 -10.76
C CYS A 135 -6.91 23.45 -11.82
N GLU A 136 -7.23 23.09 -13.06
CA GLU A 136 -7.20 24.02 -14.18
C GLU A 136 -8.47 23.84 -14.99
N VAL A 137 -8.87 24.88 -15.70
CA VAL A 137 -10.06 24.81 -16.53
C VAL A 137 -9.93 23.72 -17.58
N GLY A 138 -10.98 22.91 -17.73
CA GLY A 138 -10.95 21.85 -18.72
C GLY A 138 -10.41 20.51 -18.27
N ILE A 139 -10.10 20.38 -16.98
CA ILE A 139 -9.57 19.12 -16.45
C ILE A 139 -10.66 18.43 -15.63
N ASP A 140 -10.65 17.10 -15.59
CA ASP A 140 -11.64 16.38 -14.80
C ASP A 140 -10.96 15.86 -13.54
N ALA A 141 -11.76 15.41 -12.58
CA ALA A 141 -11.24 14.89 -11.32
C ALA A 141 -10.28 13.72 -11.46
N THR A 142 -10.54 12.83 -12.42
CA THR A 142 -9.65 11.68 -12.61
C THR A 142 -8.25 12.11 -13.03
N GLU A 143 -8.17 13.07 -13.93
CA GLU A 143 -6.88 13.56 -14.42
C GLU A 143 -6.13 14.35 -13.34
N LEU A 144 -6.86 15.12 -12.54
CA LEU A 144 -6.23 15.88 -11.48
C LEU A 144 -5.62 14.90 -10.48
N TYR A 145 -6.39 13.86 -10.16
CA TYR A 145 -5.95 12.82 -9.23
C TYR A 145 -4.68 12.13 -9.76
N ARG A 146 -4.70 11.79 -11.04
CA ARG A 146 -3.56 11.13 -11.65
C ARG A 146 -2.29 11.96 -11.52
N ARG A 147 -2.43 13.27 -11.67
CA ARG A 147 -1.27 14.16 -11.56
C ARG A 147 -0.72 14.25 -10.15
N ALA A 148 -1.60 14.43 -9.17
CA ALA A 148 -1.20 14.53 -7.78
C ALA A 148 -0.62 13.19 -7.31
N ASP A 149 -1.24 12.11 -7.78
CA ASP A 149 -0.80 10.75 -7.42
C ASP A 149 0.61 10.48 -7.94
N ALA A 150 0.85 10.84 -9.21
CA ALA A 150 2.16 10.63 -9.81
C ALA A 150 3.22 11.43 -9.07
N ALA A 151 2.89 12.65 -8.67
CA ALA A 151 3.84 13.50 -7.94
C ALA A 151 4.19 12.86 -6.59
N MET A 152 3.20 12.26 -5.94
CA MET A 152 3.42 11.63 -4.65
C MET A 152 4.43 10.49 -4.78
N TYR A 153 4.34 9.72 -5.85
CA TYR A 153 5.28 8.61 -6.03
C TYR A 153 6.70 9.15 -6.26
N ARG A 154 6.82 10.30 -6.90
CA ARG A 154 8.16 10.88 -7.11
C ARG A 154 8.72 11.23 -5.74
N ALA A 155 7.87 11.79 -4.89
CA ALA A 155 8.30 12.15 -3.52
C ALA A 155 8.69 10.88 -2.76
N LYS A 156 7.86 9.86 -2.89
CA LYS A 156 8.08 8.60 -2.19
C LYS A 156 9.41 7.93 -2.56
N PHE A 157 9.64 7.75 -3.86
CA PHE A 157 10.85 7.08 -4.30
C PHE A 157 12.15 7.86 -4.21
N SER A 158 12.05 9.16 -3.95
CA SER A 158 13.25 9.98 -3.81
C SER A 158 13.67 9.99 -2.34
N GLY A 159 12.90 9.29 -1.50
CA GLY A 159 13.24 9.24 -0.08
C GLY A 159 12.14 9.55 0.92
N GLY A 160 11.04 10.11 0.45
CA GLY A 160 9.95 10.43 1.37
C GLY A 160 10.20 11.69 2.18
N ARG A 161 9.31 11.96 3.14
CA ARG A 161 9.40 13.14 3.98
C ARG A 161 9.51 14.39 3.13
N ARG A 162 8.70 14.47 2.08
CA ARG A 162 8.73 15.62 1.21
C ARG A 162 7.47 15.73 0.36
N LEU A 163 7.25 16.93 -0.17
CA LEU A 163 6.11 17.20 -1.04
C LEU A 163 6.65 17.59 -2.40
N VAL A 164 6.28 16.83 -3.43
CA VAL A 164 6.71 17.14 -4.78
C VAL A 164 5.49 17.67 -5.53
N ARG A 165 5.69 18.78 -6.24
CA ARG A 165 4.59 19.40 -6.99
C ARG A 165 4.54 18.85 -8.40
N ASP A 166 3.34 18.81 -8.97
CA ASP A 166 3.19 18.34 -10.34
C ASP A 166 3.75 19.40 -11.28
N ASP B 6 -15.56 -26.15 6.03
CA ASP B 6 -16.32 -24.98 5.52
C ASP B 6 -15.95 -23.70 6.26
N LEU B 7 -16.04 -23.75 7.59
CA LEU B 7 -15.72 -22.59 8.40
C LEU B 7 -14.34 -22.02 8.09
N LYS B 8 -13.32 -22.85 8.22
CA LYS B 8 -11.93 -22.46 7.95
C LYS B 8 -11.74 -21.77 6.61
N ARG B 9 -12.26 -22.38 5.55
CA ARG B 9 -12.11 -21.83 4.21
C ARG B 9 -12.63 -20.40 4.09
N HIS B 10 -13.74 -20.09 4.76
CA HIS B 10 -14.29 -18.76 4.72
C HIS B 10 -13.53 -17.85 5.66
N ALA B 11 -12.85 -18.44 6.62
CA ALA B 11 -12.07 -17.66 7.59
C ALA B 11 -10.62 -17.47 7.16
N LEU B 12 -10.10 -18.39 6.36
CA LEU B 12 -8.69 -18.31 5.94
C LEU B 12 -8.38 -18.00 4.49
N PHE B 13 -9.39 -17.89 3.63
CA PHE B 13 -9.10 -17.62 2.23
C PHE B 13 -9.70 -16.34 1.67
N ASP B 14 -8.96 -15.74 0.74
CA ASP B 14 -9.38 -14.50 0.08
C ASP B 14 -10.39 -14.88 -0.99
N PRO B 15 -11.64 -14.43 -0.86
CA PRO B 15 -12.64 -14.77 -1.87
C PRO B 15 -12.28 -14.48 -3.33
N LEU B 16 -11.79 -13.29 -3.62
CA LEU B 16 -11.44 -12.94 -5.00
C LEU B 16 -10.42 -13.86 -5.66
N THR B 17 -9.25 -14.00 -5.04
CA THR B 17 -8.16 -14.78 -5.61
C THR B 17 -7.99 -16.24 -5.23
N GLU B 18 -8.61 -16.65 -4.13
CA GLU B 18 -8.53 -18.03 -3.67
C GLU B 18 -7.20 -18.31 -2.98
N ALA B 19 -6.41 -17.26 -2.74
CA ALA B 19 -5.16 -17.41 -2.03
C ALA B 19 -5.62 -17.27 -0.58
N LEU B 20 -4.74 -17.52 0.38
CA LEU B 20 -5.13 -17.35 1.77
C LEU B 20 -5.35 -15.84 1.97
N ASN B 21 -6.12 -15.46 2.98
CA ASN B 21 -6.33 -14.05 3.27
C ASN B 21 -5.27 -13.68 4.32
N ARG B 22 -5.38 -12.51 4.93
CA ARG B 22 -4.37 -12.12 5.92
C ARG B 22 -4.34 -13.05 7.13
N ARG B 23 -5.51 -13.45 7.63
CA ARG B 23 -5.56 -14.35 8.78
C ARG B 23 -4.88 -15.67 8.40
N GLY B 24 -5.09 -16.10 7.16
CA GLY B 24 -4.48 -17.32 6.67
C GLY B 24 -2.97 -17.21 6.55
N CYS B 25 -2.50 -16.04 6.10
CA CYS B 25 -1.06 -15.80 5.96
C CYS B 25 -0.40 -15.93 7.32
N GLU B 26 -1.00 -15.31 8.33
CA GLU B 26 -0.44 -15.35 9.67
C GLU B 26 -0.41 -16.77 10.22
N GLN B 27 -1.48 -17.53 10.01
CA GLN B 27 -1.51 -18.91 10.51
C GLN B 27 -0.58 -19.82 9.70
N ALA B 28 -0.46 -19.55 8.41
CA ALA B 28 0.42 -20.34 7.55
C ALA B 28 1.87 -20.10 7.94
N MET B 29 2.21 -18.85 8.21
CA MET B 29 3.58 -18.51 8.62
C MET B 29 3.89 -19.21 9.94
N ARG B 30 2.95 -19.15 10.88
CA ARG B 30 3.15 -19.79 12.18
C ARG B 30 3.40 -21.29 12.01
N ASP B 31 2.52 -21.95 11.27
CA ASP B 31 2.63 -23.38 11.06
C ASP B 31 3.92 -23.77 10.32
N SER B 32 4.29 -23.00 9.31
CA SER B 32 5.49 -23.27 8.53
C SER B 32 6.76 -23.15 9.38
N VAL B 33 6.80 -22.16 10.26
CA VAL B 33 7.96 -21.95 11.11
C VAL B 33 8.05 -23.08 12.16
N THR B 34 6.90 -23.49 12.67
CA THR B 34 6.85 -24.55 13.66
C THR B 34 7.37 -25.85 13.03
N ALA B 35 6.88 -26.16 11.85
CA ALA B 35 7.30 -27.36 11.14
C ALA B 35 8.81 -27.32 10.86
N ALA B 36 9.32 -26.13 10.58
CA ALA B 36 10.74 -25.96 10.29
C ALA B 36 11.58 -26.14 11.57
N GLN B 37 11.13 -25.53 12.66
CA GLN B 37 11.83 -25.61 13.93
C GLN B 37 11.67 -26.97 14.61
N ARG B 38 10.58 -27.66 14.33
CA ARG B 38 10.34 -28.96 14.94
C ARG B 38 10.57 -30.13 14.01
N GLU B 39 9.87 -30.17 12.88
CA GLU B 39 10.04 -31.25 11.92
C GLU B 39 11.38 -31.18 11.24
N GLY B 40 11.95 -29.98 11.18
CA GLY B 40 13.25 -29.80 10.58
C GLY B 40 13.34 -29.54 9.08
N TRP B 41 12.21 -29.40 8.38
CA TRP B 41 12.31 -29.14 6.96
C TRP B 41 12.58 -27.66 6.66
N PRO B 42 13.13 -27.38 5.47
CA PRO B 42 13.44 -26.00 5.07
C PRO B 42 12.20 -25.15 4.79
N PHE B 43 12.33 -23.86 5.01
CA PHE B 43 11.23 -22.93 4.74
C PHE B 43 11.76 -21.58 4.32
N VAL B 44 11.22 -21.07 3.23
CA VAL B 44 11.59 -19.77 2.70
C VAL B 44 10.32 -18.94 2.57
N LEU B 45 10.34 -17.72 3.11
CA LEU B 45 9.19 -16.83 3.04
C LEU B 45 9.47 -15.69 2.07
N PHE B 46 8.51 -15.42 1.19
CA PHE B 46 8.62 -14.34 0.22
C PHE B 46 7.51 -13.32 0.44
N VAL B 47 7.85 -12.04 0.32
CA VAL B 47 6.87 -10.97 0.44
C VAL B 47 6.91 -10.30 -0.93
N LEU B 48 5.75 -10.22 -1.60
CA LEU B 48 5.67 -9.63 -2.92
C LEU B 48 4.71 -8.44 -2.97
N ASP B 49 5.07 -7.43 -3.76
CA ASP B 49 4.22 -6.26 -3.93
C ASP B 49 4.26 -5.88 -5.41
N MET B 50 3.10 -5.77 -6.03
CA MET B 50 3.03 -5.42 -7.44
C MET B 50 3.48 -3.99 -7.66
N ASP B 51 4.05 -3.74 -8.84
CA ASP B 51 4.56 -2.42 -9.22
C ASP B 51 3.66 -1.67 -10.20
N ASN B 52 2.92 -2.41 -11.03
CA ASN B 52 2.12 -1.77 -12.07
C ASN B 52 0.65 -2.14 -12.22
N LEU B 53 -0.03 -2.43 -11.12
CA LEU B 53 -1.45 -2.79 -11.23
C LEU B 53 -2.37 -1.60 -11.48
N LYS B 54 -2.06 -0.47 -10.86
CA LYS B 54 -2.89 0.73 -11.00
C LYS B 54 -3.13 1.16 -12.45
N PRO B 55 -2.07 1.29 -13.26
CA PRO B 55 -2.32 1.71 -14.64
C PRO B 55 -3.25 0.74 -15.39
N ILE B 56 -3.23 -0.54 -15.01
CA ILE B 56 -4.10 -1.53 -15.64
C ILE B 56 -5.56 -1.23 -15.31
N ASN B 57 -5.84 -0.89 -14.06
CA ASN B 57 -7.21 -0.56 -13.67
C ASN B 57 -7.68 0.72 -14.37
N ASP B 58 -6.79 1.70 -14.44
CA ASP B 58 -7.11 2.99 -15.06
C ASP B 58 -7.61 2.90 -16.49
N ARG B 59 -6.97 2.07 -17.31
CA ARG B 59 -7.38 1.96 -18.71
C ARG B 59 -8.35 0.83 -19.02
N PHE B 60 -8.28 -0.26 -18.26
CA PHE B 60 -9.14 -1.41 -18.52
C PHE B 60 -10.28 -1.66 -17.53
N GLY B 61 -10.28 -0.96 -16.40
CA GLY B 61 -11.34 -1.15 -15.41
C GLY B 61 -10.91 -2.08 -14.30
N HIS B 62 -11.60 -2.03 -13.17
CA HIS B 62 -11.25 -2.87 -12.02
C HIS B 62 -11.49 -4.37 -12.23
N LEU B 63 -12.42 -4.72 -13.10
CA LEU B 63 -12.68 -6.13 -13.37
C LEU B 63 -11.43 -6.72 -14.04
N ALA B 64 -10.79 -5.92 -14.89
CA ALA B 64 -9.58 -6.38 -15.58
C ALA B 64 -8.45 -6.52 -14.56
N GLY B 65 -8.36 -5.57 -13.65
CA GLY B 65 -7.33 -5.62 -12.63
C GLY B 65 -7.57 -6.82 -11.71
N ASP B 66 -8.84 -7.10 -11.43
CA ASP B 66 -9.19 -8.24 -10.58
C ASP B 66 -8.66 -9.50 -11.25
N ARG B 67 -8.85 -9.59 -12.56
CA ARG B 67 -8.40 -10.75 -13.32
C ARG B 67 -6.89 -10.91 -13.22
N VAL B 68 -6.16 -9.79 -13.16
CA VAL B 68 -4.70 -9.85 -13.03
C VAL B 68 -4.33 -10.53 -11.71
N LEU B 69 -4.99 -10.14 -10.63
CA LEU B 69 -4.71 -10.72 -9.32
C LEU B 69 -5.11 -12.20 -9.30
N VAL B 70 -6.20 -12.53 -9.98
CA VAL B 70 -6.66 -13.91 -10.05
C VAL B 70 -5.64 -14.77 -10.80
N ARG B 71 -5.13 -14.27 -11.92
CA ARG B 71 -4.15 -15.02 -12.71
C ARG B 71 -2.84 -15.19 -11.95
N LEU B 72 -2.45 -14.17 -11.20
CA LEU B 72 -1.21 -14.24 -10.43
C LEU B 72 -1.25 -15.43 -9.48
N VAL B 73 -2.32 -15.53 -8.70
CA VAL B 73 -2.49 -16.61 -7.75
C VAL B 73 -2.69 -17.94 -8.46
N GLU B 74 -3.46 -17.92 -9.55
CA GLU B 74 -3.72 -19.13 -10.32
C GLU B 74 -2.40 -19.74 -10.81
N SER B 75 -1.54 -18.92 -11.39
CA SER B 75 -0.27 -19.38 -11.90
C SER B 75 0.65 -19.87 -10.78
N ALA B 76 0.54 -19.27 -9.60
CA ALA B 76 1.36 -19.67 -8.46
C ALA B 76 1.01 -21.10 -8.08
N TYR B 77 -0.28 -21.38 -7.95
CA TYR B 77 -0.73 -22.73 -7.59
C TYR B 77 -0.25 -23.74 -8.63
N GLY B 78 0.19 -23.24 -9.77
CA GLY B 78 0.67 -24.11 -10.83
C GLY B 78 2.05 -24.69 -10.58
N TRP B 79 2.79 -24.15 -9.61
CA TRP B 79 4.11 -24.68 -9.32
C TRP B 79 4.34 -24.94 -7.83
N LEU B 80 3.50 -24.33 -6.99
CA LEU B 80 3.62 -24.52 -5.56
C LEU B 80 3.50 -25.98 -5.15
N GLY B 81 4.27 -26.36 -4.14
CA GLY B 81 4.23 -27.73 -3.66
C GLY B 81 3.02 -27.99 -2.78
N ALA B 82 2.79 -29.26 -2.47
CA ALA B 82 1.65 -29.66 -1.65
C ALA B 82 1.66 -29.05 -0.26
N GLN B 83 2.83 -28.67 0.23
CA GLN B 83 2.94 -28.07 1.55
C GLN B 83 3.26 -26.59 1.51
N ASP B 84 3.42 -26.06 0.29
CA ASP B 84 3.72 -24.65 0.11
C ASP B 84 2.42 -23.86 0.14
N TRP B 85 2.50 -22.54 0.10
CA TRP B 85 1.28 -21.75 0.12
C TRP B 85 1.44 -20.34 -0.39
N ILE B 86 0.32 -19.74 -0.78
CA ILE B 86 0.32 -18.36 -1.24
C ILE B 86 -0.86 -17.66 -0.57
N GLY B 87 -0.57 -16.48 -0.01
CA GLY B 87 -1.61 -15.72 0.66
C GLY B 87 -1.62 -14.29 0.19
N ARG B 88 -2.75 -13.62 0.39
CA ARG B 88 -2.90 -12.23 0.02
C ARG B 88 -2.88 -11.42 1.31
N TRP B 89 -1.83 -10.63 1.51
CA TRP B 89 -1.72 -9.82 2.72
C TRP B 89 -2.84 -8.79 2.67
N GLY B 90 -3.11 -8.30 1.46
CA GLY B 90 -4.15 -7.31 1.26
C GLY B 90 -3.79 -6.47 0.04
N GLY B 91 -4.78 -5.91 -0.64
CA GLY B 91 -4.49 -5.09 -1.82
C GLY B 91 -3.74 -5.89 -2.87
N ASP B 92 -2.60 -5.38 -3.34
CA ASP B 92 -1.82 -6.10 -4.34
C ASP B 92 -0.55 -6.69 -3.73
N GLU B 93 -0.60 -6.97 -2.43
CA GLU B 93 0.55 -7.52 -1.71
C GLU B 93 0.28 -8.99 -1.34
N PHE B 94 1.27 -9.85 -1.62
CA PHE B 94 1.13 -11.28 -1.37
C PHE B 94 2.32 -11.88 -0.63
N LEU B 95 2.09 -13.01 0.02
CA LEU B 95 3.15 -13.74 0.71
C LEU B 95 3.14 -15.16 0.14
N ILE B 96 4.32 -15.73 -0.03
CA ILE B 96 4.44 -17.10 -0.54
C ILE B 96 5.38 -17.86 0.38
N GLY B 97 4.92 -19.02 0.83
CA GLY B 97 5.72 -19.86 1.71
C GLY B 97 6.13 -21.09 0.92
N VAL B 98 7.44 -21.35 0.87
CA VAL B 98 7.94 -22.50 0.13
C VAL B 98 8.81 -23.39 1.03
N HIS B 99 8.39 -24.64 1.20
CA HIS B 99 9.15 -25.57 2.01
C HIS B 99 10.12 -26.35 1.14
N ALA B 100 11.22 -25.68 0.81
CA ALA B 100 12.28 -26.24 -0.02
C ALA B 100 13.55 -25.44 0.29
N SER B 101 14.68 -25.85 -0.25
CA SER B 101 15.93 -25.13 -0.02
C SER B 101 15.83 -23.76 -0.68
N GLU B 102 16.58 -22.78 -0.16
CA GLU B 102 16.54 -21.44 -0.72
C GLU B 102 16.79 -21.38 -2.23
N ASP B 103 17.81 -22.11 -2.69
CA ASP B 103 18.13 -22.12 -4.11
C ASP B 103 16.93 -22.55 -4.96
N GLU B 104 16.34 -23.68 -4.61
CA GLU B 104 15.19 -24.20 -5.35
C GLU B 104 14.02 -23.21 -5.29
N ALA B 105 13.68 -22.76 -4.09
CA ALA B 105 12.58 -21.83 -3.90
C ALA B 105 12.78 -20.54 -4.70
N THR B 106 13.96 -19.93 -4.57
CA THR B 106 14.27 -18.69 -5.27
C THR B 106 14.29 -18.84 -6.78
N LEU B 107 14.85 -19.93 -7.28
CA LEU B 107 14.90 -20.15 -8.72
C LEU B 107 13.51 -20.34 -9.30
N LYS B 108 12.65 -21.03 -8.55
CA LYS B 108 11.29 -21.27 -8.98
C LYS B 108 10.51 -19.95 -9.02
N LEU B 109 10.73 -19.11 -8.01
CA LEU B 109 10.04 -17.83 -7.93
C LEU B 109 10.42 -16.89 -9.07
N ASN B 110 11.72 -16.72 -9.30
CA ASN B 110 12.18 -15.85 -10.37
C ASN B 110 11.71 -16.31 -11.74
N GLN B 111 11.68 -17.62 -11.94
CA GLN B 111 11.25 -18.20 -13.20
C GLN B 111 9.77 -17.86 -13.41
N TRP B 112 9.01 -17.90 -12.32
CA TRP B 112 7.58 -17.60 -12.37
C TRP B 112 7.32 -16.12 -12.64
N LEU B 113 8.09 -15.25 -12.00
CA LEU B 113 7.95 -13.82 -12.17
C LEU B 113 8.39 -13.38 -13.57
N SER B 114 9.35 -14.10 -14.13
CA SER B 114 9.84 -13.78 -15.47
C SER B 114 8.71 -14.08 -16.44
N MET B 115 8.03 -15.21 -16.21
CA MET B 115 6.91 -15.63 -17.05
C MET B 115 5.79 -14.59 -17.04
N LEU B 116 5.54 -14.00 -15.88
CA LEU B 116 4.48 -13.00 -15.74
C LEU B 116 4.86 -11.65 -16.34
N GLU B 117 6.16 -11.38 -16.42
CA GLU B 117 6.66 -10.13 -16.96
C GLU B 117 6.81 -10.18 -18.48
N GLU B 123 -2.14 -11.05 -22.73
CA GLU B 123 -2.36 -10.67 -21.29
C GLU B 123 -1.37 -9.60 -20.85
N ALA B 124 -1.83 -8.71 -19.99
CA ALA B 124 -0.99 -7.62 -19.48
C ALA B 124 0.18 -8.15 -18.65
N PRO B 125 1.39 -7.61 -18.86
CA PRO B 125 2.59 -8.03 -18.13
C PRO B 125 2.59 -7.52 -16.68
N LEU B 126 3.02 -8.37 -15.76
CA LEU B 126 3.07 -8.00 -14.35
C LEU B 126 4.49 -7.71 -13.90
N HIS B 127 4.65 -6.61 -13.17
CA HIS B 127 5.94 -6.20 -12.61
C HIS B 127 5.81 -6.36 -11.10
N VAL B 128 6.77 -7.06 -10.50
CA VAL B 128 6.72 -7.33 -9.07
C VAL B 128 8.02 -7.11 -8.31
N SER B 129 7.89 -6.54 -7.10
CA SER B 129 9.03 -6.32 -6.22
C SER B 129 8.93 -7.43 -5.18
N ALA B 130 10.02 -8.17 -4.98
CA ALA B 130 10.00 -9.27 -4.02
C ALA B 130 11.17 -9.31 -3.06
N GLY B 131 10.91 -9.83 -1.87
CA GLY B 131 11.93 -9.95 -0.84
C GLY B 131 11.81 -11.33 -0.18
N SER B 132 12.95 -11.95 0.12
CA SER B 132 12.92 -13.27 0.74
C SER B 132 13.73 -13.36 2.03
N ALA B 133 13.39 -14.35 2.85
CA ALA B 133 14.08 -14.61 4.11
C ALA B 133 13.98 -16.11 4.36
N VAL B 134 15.06 -16.70 4.90
CA VAL B 134 15.09 -18.12 5.17
C VAL B 134 14.94 -18.40 6.66
N CYS B 135 14.15 -19.41 7.01
CA CYS B 135 13.95 -19.77 8.40
C CYS B 135 15.20 -20.46 8.95
N GLU B 136 15.59 -20.07 10.15
CA GLU B 136 16.76 -20.65 10.81
C GLU B 136 16.46 -20.71 12.30
N VAL B 137 17.11 -21.62 13.00
CA VAL B 137 16.91 -21.78 14.44
C VAL B 137 17.09 -20.45 15.16
N GLY B 138 16.23 -20.19 16.15
CA GLY B 138 16.33 -18.95 16.89
C GLY B 138 15.53 -17.81 16.28
N ILE B 139 14.96 -18.06 15.10
CA ILE B 139 14.17 -17.05 14.40
C ILE B 139 12.69 -17.43 14.39
N ASP B 140 11.84 -16.53 14.87
CA ASP B 140 10.40 -16.79 14.90
C ASP B 140 9.71 -16.19 13.67
N ALA B 141 8.42 -16.49 13.51
CA ALA B 141 7.65 -16.00 12.37
C ALA B 141 7.61 -14.49 12.21
N THR B 142 7.41 -13.77 13.32
CA THR B 142 7.36 -12.31 13.22
C THR B 142 8.69 -11.75 12.71
N GLU B 143 9.79 -12.34 13.18
CA GLU B 143 11.13 -11.91 12.77
C GLU B 143 11.37 -12.29 11.32
N LEU B 144 10.95 -13.50 10.93
CA LEU B 144 11.14 -13.96 9.55
C LEU B 144 10.39 -13.01 8.62
N TYR B 145 9.17 -12.64 9.02
CA TYR B 145 8.36 -11.73 8.22
C TYR B 145 9.06 -10.37 8.08
N ARG B 146 9.57 -9.86 9.19
CA ARG B 146 10.26 -8.57 9.17
C ARG B 146 11.44 -8.59 8.21
N ARG B 147 12.17 -9.69 8.17
CA ARG B 147 13.33 -9.80 7.28
C ARG B 147 12.90 -9.81 5.81
N ALA B 148 11.89 -10.62 5.49
CA ALA B 148 11.40 -10.72 4.13
C ALA B 148 10.78 -9.39 3.68
N ASP B 149 10.03 -8.76 4.58
CA ASP B 149 9.37 -7.49 4.29
C ASP B 149 10.40 -6.41 3.99
N ALA B 150 11.43 -6.34 4.80
CA ALA B 150 12.48 -5.33 4.60
C ALA B 150 13.17 -5.58 3.27
N ALA B 151 13.36 -6.85 2.92
CA ALA B 151 14.01 -7.21 1.66
C ALA B 151 13.15 -6.76 0.48
N MET B 152 11.84 -6.92 0.60
CA MET B 152 10.93 -6.51 -0.46
C MET B 152 11.04 -5.00 -0.68
N TYR B 153 11.08 -4.24 0.41
CA TYR B 153 11.20 -2.78 0.32
C TYR B 153 12.51 -2.35 -0.35
N ARG B 154 13.56 -3.13 -0.17
CA ARG B 154 14.83 -2.79 -0.81
C ARG B 154 14.69 -3.02 -2.31
N ALA B 155 13.97 -4.08 -2.69
CA ALA B 155 13.77 -4.38 -4.10
C ALA B 155 12.92 -3.27 -4.73
N LYS B 156 11.86 -2.89 -4.03
CA LYS B 156 10.94 -1.85 -4.49
C LYS B 156 11.65 -0.53 -4.77
N PHE B 157 12.45 -0.07 -3.81
CA PHE B 157 13.16 1.19 -3.96
C PHE B 157 14.40 1.14 -4.84
N SER B 158 14.75 -0.03 -5.35
CA SER B 158 15.91 -0.16 -6.21
C SER B 158 15.44 -0.25 -7.67
N GLY B 159 14.15 -0.03 -7.89
CA GLY B 159 13.62 -0.09 -9.24
C GLY B 159 12.52 -1.12 -9.45
N GLY B 160 12.34 -2.01 -8.47
CA GLY B 160 11.31 -3.02 -8.59
C GLY B 160 11.66 -4.10 -9.60
N ARG B 161 10.66 -4.88 -10.00
CA ARG B 161 10.85 -5.97 -10.95
C ARG B 161 12.08 -6.80 -10.61
N ARG B 162 12.24 -7.14 -9.34
CA ARG B 162 13.38 -7.93 -8.89
C ARG B 162 13.16 -8.53 -7.52
N LEU B 163 14.02 -9.48 -7.16
CA LEU B 163 13.96 -10.15 -5.87
C LEU B 163 15.22 -9.87 -5.07
N VAL B 164 15.06 -9.38 -3.86
CA VAL B 164 16.18 -9.10 -2.97
C VAL B 164 16.07 -10.05 -1.78
N ARG B 165 17.18 -10.67 -1.38
CA ARG B 165 17.19 -11.60 -0.25
C ARG B 165 17.69 -10.95 1.03
N ASP B 166 17.16 -11.40 2.17
CA ASP B 166 17.56 -10.89 3.46
C ASP B 166 19.01 -11.25 3.75
#